data_2NOI
#
_entry.id   2NOI
#
_cell.length_a   91.888
_cell.length_b   91.888
_cell.length_c   211.835
_cell.angle_alpha   90.000
_cell.angle_beta   90.000
_cell.angle_gamma   120.000
#
_symmetry.space_group_name_H-M   'P 65 2 2'
#
loop_
_entity.id
_entity.type
_entity.pdbx_description
1 polymer "5'-D(*GP*GP*TP*AP*GP*AP*CP*CP*TP*GP*GP*AP*CP*GP*C)-3'"
2 polymer "5'-D(*GP*CP*GP*TP*C*CP*AP*GP*GP*TP*CP*TP*AP*CP*C)-3'"
3 polymer 'N-glycosylase/DNA lyase'
4 non-polymer 'CALCIUM ION'
5 water water
#
loop_
_entity_poly.entity_id
_entity_poly.type
_entity_poly.pdbx_seq_one_letter_code
_entity_poly.pdbx_strand_id
1 'polydeoxyribonucleotide' (DG)(DG)(DT)(DA)(DG)(DA)(DC)(DC)(DT)(DG)(DG)(DA)(DC)(DG)(DC) B
2 'polydeoxyribonucleotide' (DG)(DC)(DG)(DT)(DC)(DC)(DA)(DG)(DG)(DT)(DC)(DT)(DA)(DC)(DC) C
3 'polypeptide(L)'
;AMADIGSEFGHRTLASTPALWASIPCPRSELRLDLVLPSAQSFRWREQSPAHWSGVLADQVWTLTQTEEQLHCTVYRGDK
SQASRPTPDELEAVRKYFQLDVTLAQLYHHWGSVDSHFQEVAQKFQGVRLLRQDPIECLFSFICSSCNNIARITGMVERL
CQAFGPRLIQLDDVTYHGFPSLQALAGPEVEAHLRKLGLGYRARYVSASARAILEEQGGLAWLQQLRESSYEEAHKALCI
LPGVGTQVADCICLMALDKPQAVPVDVHMWHIAQRDYSWHPTTSQAKGPSPQTNKELGNFFRSLWGPYAGWAQAVLFSAD
LRQSR
;
A
#
# COMPACT_ATOMS: atom_id res chain seq x y z
N GLY C 6 21.98 -10.84 -24.18
CA GLY C 6 20.76 -10.59 -25.01
C GLY C 6 19.54 -10.56 -24.12
N SER C 7 19.09 -11.74 -23.71
CA SER C 7 17.95 -11.84 -22.82
C SER C 7 18.43 -11.31 -21.47
N GLU C 8 19.73 -10.97 -21.43
CA GLU C 8 20.34 -10.44 -20.21
C GLU C 8 19.99 -8.96 -20.04
N PHE C 9 19.18 -8.44 -20.97
CA PHE C 9 18.77 -7.04 -20.91
C PHE C 9 17.26 -6.90 -20.87
N GLY C 10 16.79 -5.78 -20.30
CA GLY C 10 15.36 -5.55 -20.20
C GLY C 10 14.77 -6.27 -19.00
N HIS C 11 13.46 -6.20 -18.86
CA HIS C 11 12.82 -6.88 -17.76
C HIS C 11 12.73 -8.37 -18.11
N ARG C 12 12.92 -9.22 -17.10
CA ARG C 12 12.85 -10.67 -17.27
C ARG C 12 11.42 -11.19 -17.23
N THR C 13 11.26 -12.45 -17.62
CA THR C 13 9.99 -13.15 -17.59
C THR C 13 10.40 -14.53 -17.14
N LEU C 14 9.45 -15.35 -16.70
CA LEU C 14 9.79 -16.70 -16.23
C LEU C 14 10.47 -17.54 -17.32
N ALA C 15 9.95 -17.45 -18.54
CA ALA C 15 10.49 -18.20 -19.68
C ALA C 15 11.88 -17.77 -20.14
N SER C 16 12.03 -16.47 -20.42
CA SER C 16 13.30 -15.90 -20.90
C SER C 16 14.58 -16.07 -20.08
N THR C 17 14.47 -16.29 -18.77
CA THR C 17 15.67 -16.46 -17.94
C THR C 17 15.39 -17.37 -16.74
N PRO C 18 14.81 -18.56 -16.99
CA PRO C 18 14.43 -19.59 -16.01
C PRO C 18 15.35 -19.79 -14.82
N ALA C 19 16.65 -19.81 -15.07
CA ALA C 19 17.63 -20.05 -14.02
C ALA C 19 17.78 -18.90 -13.02
N LEU C 20 17.16 -17.76 -13.31
CA LEU C 20 17.25 -16.60 -12.43
C LEU C 20 16.09 -16.44 -11.47
N TRP C 21 15.04 -17.24 -11.65
CA TRP C 21 13.87 -17.17 -10.78
C TRP C 21 13.90 -18.22 -9.67
N ALA C 22 13.23 -17.90 -8.56
CA ALA C 22 13.12 -18.81 -7.43
C ALA C 22 11.65 -18.71 -7.04
N SER C 23 11.10 -19.75 -6.46
CA SER C 23 9.70 -19.68 -6.10
C SER C 23 9.39 -19.76 -4.62
N ILE C 24 8.22 -19.22 -4.27
CA ILE C 24 7.72 -19.21 -2.92
C ILE C 24 6.37 -19.90 -3.00
N PRO C 25 6.24 -21.05 -2.30
CA PRO C 25 4.96 -21.77 -2.32
C PRO C 25 3.86 -20.81 -1.94
N CYS C 26 2.91 -20.60 -2.84
CA CYS C 26 1.83 -19.69 -2.58
C CYS C 26 0.71 -19.90 -3.58
N PRO C 27 -0.46 -20.30 -3.09
CA PRO C 27 -1.59 -20.52 -4.00
C PRO C 27 -2.26 -19.19 -4.34
N ARG C 28 -2.82 -19.09 -5.55
CA ARG C 28 -3.47 -17.87 -5.96
C ARG C 28 -4.66 -17.54 -5.07
N SER C 29 -5.09 -18.52 -4.26
CA SER C 29 -6.20 -18.28 -3.35
C SER C 29 -5.70 -17.41 -2.21
N GLU C 30 -4.40 -17.47 -1.95
CA GLU C 30 -3.79 -16.65 -0.90
C GLU C 30 -3.25 -15.32 -1.42
N LEU C 31 -3.13 -15.19 -2.75
CA LEU C 31 -2.60 -13.96 -3.34
C LEU C 31 -2.77 -13.80 -4.85
N ARG C 32 -3.42 -12.73 -5.27
CA ARG C 32 -3.60 -12.41 -6.68
C ARG C 32 -2.84 -11.10 -6.94
N LEU C 33 -1.65 -11.22 -7.52
CA LEU C 33 -0.85 -10.03 -7.81
C LEU C 33 -1.65 -8.99 -8.57
N ASP C 34 -2.44 -9.46 -9.54
CA ASP C 34 -3.22 -8.57 -10.39
C ASP C 34 -4.34 -7.87 -9.62
N LEU C 35 -4.55 -8.27 -8.38
CA LEU C 35 -5.59 -7.65 -7.56
C LEU C 35 -4.97 -6.76 -6.47
N VAL C 36 -3.78 -7.12 -6.02
CA VAL C 36 -3.09 -6.38 -4.98
C VAL C 36 -2.18 -5.21 -5.44
N LEU C 37 -1.24 -5.52 -6.32
CA LEU C 37 -0.29 -4.51 -6.78
C LEU C 37 -0.80 -3.23 -7.43
N PRO C 38 -1.94 -3.28 -8.14
CA PRO C 38 -2.42 -2.04 -8.76
C PRO C 38 -3.65 -1.48 -8.05
N SER C 39 -3.93 -2.00 -6.85
CA SER C 39 -5.12 -1.61 -6.10
C SER C 39 -5.07 -0.42 -5.14
N ALA C 40 -4.10 0.48 -5.30
CA ALA C 40 -4.00 1.64 -4.42
C ALA C 40 -3.49 1.37 -3.00
N GLN C 41 -2.64 0.36 -2.87
CA GLN C 41 -1.99 0.08 -1.59
C GLN C 41 -0.63 0.75 -1.87
N SER C 42 0.14 0.15 -2.77
CA SER C 42 1.40 0.73 -3.20
C SER C 42 1.15 1.27 -4.61
N PHE C 43 1.91 2.30 -5.02
CA PHE C 43 1.71 2.85 -6.35
C PHE C 43 2.97 2.71 -7.17
N ARG C 44 3.84 1.79 -6.76
CA ARG C 44 5.12 1.64 -7.43
C ARG C 44 5.36 0.32 -8.18
N TRP C 45 4.29 -0.41 -8.45
CA TRP C 45 4.41 -1.66 -9.20
C TRP C 45 3.81 -1.47 -10.59
N ARG C 46 4.51 -1.96 -11.61
CA ARG C 46 4.03 -1.86 -12.99
C ARG C 46 4.10 -3.25 -13.62
N GLU C 47 3.10 -3.59 -14.42
CA GLU C 47 3.10 -4.88 -15.09
C GLU C 47 3.84 -4.62 -16.40
N GLN C 48 5.17 -4.60 -16.37
CA GLN C 48 5.98 -4.31 -17.56
C GLN C 48 5.87 -5.36 -18.65
N SER C 49 5.55 -6.58 -18.25
CA SER C 49 5.35 -7.72 -19.15
C SER C 49 4.07 -8.38 -18.64
N PRO C 50 3.19 -8.83 -19.56
CA PRO C 50 1.96 -9.46 -19.10
C PRO C 50 2.16 -10.47 -17.97
N ALA C 51 1.38 -10.29 -16.89
CA ALA C 51 1.44 -11.15 -15.73
C ALA C 51 2.73 -11.01 -14.91
N HIS C 52 3.60 -10.08 -15.30
CA HIS C 52 4.85 -9.84 -14.59
C HIS C 52 4.87 -8.43 -14.02
N TRP C 53 5.07 -8.32 -12.71
CA TRP C 53 5.10 -7.03 -12.04
C TRP C 53 6.48 -6.67 -11.53
N SER C 54 6.95 -5.47 -11.89
CA SER C 54 8.25 -5.03 -11.45
C SER C 54 8.12 -3.80 -10.54
N GLY C 55 8.96 -3.77 -9.52
CA GLY C 55 8.96 -2.67 -8.58
C GLY C 55 10.10 -2.79 -7.59
N VAL C 56 10.23 -1.80 -6.72
CA VAL C 56 11.26 -1.75 -5.70
C VAL C 56 10.71 -2.38 -4.42
N LEU C 57 11.47 -3.33 -3.86
CA LEU C 57 11.09 -4.03 -2.65
C LEU C 57 12.35 -4.29 -1.82
N ALA C 58 12.35 -3.78 -0.59
CA ALA C 58 13.50 -3.96 0.28
C ALA C 58 14.76 -3.36 -0.36
N ASP C 59 14.61 -2.17 -0.94
CA ASP C 59 15.72 -1.45 -1.57
C ASP C 59 16.31 -2.06 -2.84
N GLN C 60 15.60 -3.03 -3.42
CA GLN C 60 16.07 -3.65 -4.64
C GLN C 60 14.94 -3.79 -5.62
N VAL C 61 15.28 -3.95 -6.90
CA VAL C 61 14.26 -4.10 -7.92
C VAL C 61 13.93 -5.57 -8.15
N TRP C 62 12.64 -5.85 -8.27
CA TRP C 62 12.15 -7.22 -8.50
C TRP C 62 11.10 -7.28 -9.58
N THR C 63 10.89 -8.50 -10.07
CA THR C 63 9.84 -8.77 -11.03
C THR C 63 9.20 -10.01 -10.41
N LEU C 64 7.88 -10.01 -10.34
CA LEU C 64 7.17 -11.13 -9.75
C LEU C 64 6.08 -11.58 -10.72
N THR C 65 5.83 -12.88 -10.74
CA THR C 65 4.80 -13.44 -11.58
C THR C 65 4.39 -14.75 -10.93
N GLN C 66 3.14 -15.14 -11.09
CA GLN C 66 2.71 -16.35 -10.44
C GLN C 66 2.01 -17.38 -11.31
N THR C 67 2.11 -18.61 -10.86
CA THR C 67 1.46 -19.75 -11.49
C THR C 67 0.36 -20.15 -10.50
N GLU C 68 -0.27 -21.30 -10.70
CA GLU C 68 -1.33 -21.67 -9.78
C GLU C 68 -0.92 -21.92 -8.33
N GLU C 69 0.28 -22.46 -8.11
CA GLU C 69 0.70 -22.74 -6.75
C GLU C 69 2.00 -22.05 -6.37
N GLN C 70 2.61 -21.36 -7.33
CA GLN C 70 3.87 -20.70 -7.07
C GLN C 70 3.93 -19.20 -7.34
N LEU C 71 4.63 -18.51 -6.44
CA LEU C 71 4.87 -17.07 -6.57
C LEU C 71 6.33 -17.04 -7.01
N HIS C 72 6.54 -16.69 -8.28
CA HIS C 72 7.89 -16.65 -8.85
C HIS C 72 8.51 -15.27 -8.68
N CYS C 73 9.73 -15.24 -8.17
CA CYS C 73 10.43 -14.01 -7.91
C CYS C 73 11.81 -13.96 -8.56
N THR C 74 12.23 -12.76 -8.95
CA THR C 74 13.54 -12.54 -9.55
C THR C 74 14.03 -11.15 -9.11
N VAL C 75 15.29 -11.06 -8.70
CA VAL C 75 15.85 -9.80 -8.21
C VAL C 75 17.03 -9.29 -9.04
N TYR C 76 17.10 -7.97 -9.21
CA TYR C 76 18.18 -7.31 -9.97
C TYR C 76 19.00 -6.49 -8.97
N ARG C 77 20.21 -6.92 -8.65
CA ARG C 77 21.02 -6.21 -7.66
C ARG C 77 21.91 -5.11 -8.24
N SER C 81 27.76 -7.13 -8.46
CA SER C 81 26.95 -7.60 -9.58
C SER C 81 27.05 -9.12 -9.74
N GLN C 82 26.67 -9.61 -10.93
CA GLN C 82 26.69 -11.04 -11.30
C GLN C 82 25.30 -11.67 -11.20
N ALA C 83 24.58 -11.70 -12.32
CA ALA C 83 23.23 -12.26 -12.39
C ALA C 83 23.06 -13.56 -11.61
N SER C 84 22.00 -13.64 -10.81
CA SER C 84 21.73 -14.81 -9.98
C SER C 84 20.32 -14.91 -9.43
N ARG C 85 19.92 -16.13 -9.07
CA ARG C 85 18.61 -16.41 -8.51
C ARG C 85 18.50 -15.80 -7.11
N PRO C 86 17.29 -15.42 -6.68
CA PRO C 86 17.14 -14.84 -5.34
C PRO C 86 17.57 -15.79 -4.22
N THR C 87 18.30 -15.27 -3.23
CA THR C 87 18.74 -16.09 -2.12
C THR C 87 17.54 -16.29 -1.20
N PRO C 88 17.59 -17.29 -0.30
CA PRO C 88 16.49 -17.56 0.62
C PRO C 88 16.19 -16.37 1.55
N ASP C 89 17.23 -15.67 1.96
CA ASP C 89 17.07 -14.51 2.82
C ASP C 89 16.27 -13.43 2.09
N GLU C 90 16.62 -13.21 0.83
CA GLU C 90 15.94 -12.23 0.01
C GLU C 90 14.48 -12.61 -0.21
N LEU C 91 14.24 -13.87 -0.56
CA LEU C 91 12.88 -14.36 -0.77
C LEU C 91 12.04 -14.10 0.49
N GLU C 92 12.69 -14.16 1.65
CA GLU C 92 12.01 -13.92 2.91
C GLU C 92 11.38 -12.54 2.88
N ALA C 93 12.17 -11.56 2.46
CA ALA C 93 11.72 -10.19 2.36
C ALA C 93 10.46 -10.09 1.52
N VAL C 94 10.34 -10.95 0.52
CA VAL C 94 9.15 -10.93 -0.33
C VAL C 94 7.99 -11.45 0.52
N ARG C 95 8.23 -12.56 1.22
CA ARG C 95 7.21 -13.17 2.09
C ARG C 95 6.70 -12.15 3.11
N LYS C 96 7.61 -11.44 3.76
CA LYS C 96 7.21 -10.44 4.76
C LYS C 96 6.45 -9.29 4.11
N TYR C 97 6.84 -8.90 2.89
CA TYR C 97 6.19 -7.79 2.20
C TYR C 97 4.72 -8.14 1.97
N PHE C 98 4.48 -9.40 1.59
CA PHE C 98 3.13 -9.89 1.36
C PHE C 98 2.48 -10.49 2.59
N GLN C 99 3.18 -10.43 3.73
CA GLN C 99 2.67 -10.95 4.99
C GLN C 99 2.03 -12.31 4.76
N LEU C 100 2.74 -13.16 4.04
CA LEU C 100 2.26 -14.49 3.70
C LEU C 100 1.93 -15.40 4.89
N ASP C 101 2.38 -15.02 6.08
CA ASP C 101 2.07 -15.81 7.27
C ASP C 101 0.60 -15.64 7.64
N VAL C 102 0.03 -14.51 7.28
CA VAL C 102 -1.39 -14.25 7.54
C VAL C 102 -2.12 -15.07 6.49
N THR C 103 -2.93 -16.03 6.92
CA THR C 103 -3.67 -16.92 6.04
C THR C 103 -5.00 -16.34 5.55
N LEU C 104 -5.11 -16.14 4.24
CA LEU C 104 -6.33 -15.57 3.66
C LEU C 104 -7.53 -16.50 3.75
N ALA C 105 -7.33 -17.79 3.51
CA ALA C 105 -8.42 -18.75 3.56
C ALA C 105 -9.10 -18.64 4.94
N GLN C 106 -8.30 -18.48 5.99
CA GLN C 106 -8.84 -18.35 7.34
C GLN C 106 -9.60 -17.03 7.51
N LEU C 107 -9.05 -15.93 7.02
CA LEU C 107 -9.73 -14.65 7.18
C LEU C 107 -11.03 -14.60 6.39
N TYR C 108 -11.00 -15.09 5.15
CA TYR C 108 -12.19 -15.09 4.31
C TYR C 108 -13.27 -15.93 4.97
N HIS C 109 -12.87 -17.04 5.58
CA HIS C 109 -13.83 -17.88 6.26
C HIS C 109 -14.49 -17.09 7.37
N HIS C 110 -13.68 -16.49 8.24
CA HIS C 110 -14.23 -15.71 9.33
C HIS C 110 -15.16 -14.60 8.87
N TRP C 111 -14.72 -13.78 7.92
CA TRP C 111 -15.56 -12.68 7.45
C TRP C 111 -16.82 -13.18 6.76
N GLY C 112 -16.67 -14.26 5.98
CA GLY C 112 -17.82 -14.79 5.28
C GLY C 112 -18.82 -15.33 6.27
N SER C 113 -18.30 -15.88 7.36
CA SER C 113 -19.08 -16.46 8.43
C SER C 113 -19.93 -15.45 9.20
N VAL C 114 -19.44 -14.22 9.33
CA VAL C 114 -20.16 -13.19 10.07
C VAL C 114 -20.82 -12.15 9.19
N ASP C 115 -20.62 -12.25 7.88
CA ASP C 115 -21.20 -11.29 6.95
C ASP C 115 -21.67 -11.96 5.67
N SER C 116 -22.98 -12.18 5.58
CA SER C 116 -23.57 -12.84 4.42
C SER C 116 -23.15 -12.17 3.12
N HIS C 117 -23.13 -10.83 3.11
CA HIS C 117 -22.75 -10.08 1.92
C HIS C 117 -21.29 -10.33 1.54
N PHE C 118 -20.40 -10.27 2.51
CA PHE C 118 -19.00 -10.52 2.21
C PHE C 118 -18.88 -11.88 1.56
N GLN C 119 -19.64 -12.82 2.12
CA GLN C 119 -19.69 -14.19 1.65
C GLN C 119 -19.81 -14.29 0.14
N GLU C 120 -20.93 -13.83 -0.39
CA GLU C 120 -21.14 -13.91 -1.83
C GLU C 120 -20.09 -13.13 -2.62
N VAL C 121 -19.96 -11.85 -2.34
CA VAL C 121 -18.99 -11.00 -3.05
C VAL C 121 -17.54 -11.50 -3.05
N ALA C 122 -17.08 -12.08 -1.94
CA ALA C 122 -15.70 -12.55 -1.84
C ALA C 122 -15.31 -13.77 -2.68
N GLN C 123 -16.27 -14.63 -2.99
CA GLN C 123 -15.98 -15.82 -3.77
C GLN C 123 -15.24 -15.48 -5.07
N LYS C 124 -15.74 -14.48 -5.78
CA LYS C 124 -15.15 -14.05 -7.04
C LYS C 124 -13.87 -13.21 -6.91
N PHE C 125 -13.49 -12.86 -5.68
CA PHE C 125 -12.29 -12.05 -5.49
C PHE C 125 -11.38 -12.51 -4.37
N GLN C 126 -10.83 -13.70 -4.51
CA GLN C 126 -9.92 -14.25 -3.52
C GLN C 126 -8.53 -13.69 -3.77
N GLY C 127 -7.62 -13.90 -2.82
CA GLY C 127 -6.27 -13.42 -2.97
C GLY C 127 -5.99 -11.95 -2.69
N VAL C 128 -6.94 -11.22 -2.11
CA VAL C 128 -6.72 -9.82 -1.79
C VAL C 128 -6.24 -9.70 -0.34
N ARG C 129 -4.97 -9.35 -0.18
CA ARG C 129 -4.36 -9.20 1.13
C ARG C 129 -3.73 -7.83 1.24
N LEU C 130 -3.19 -7.52 2.43
CA LEU C 130 -2.55 -6.23 2.67
C LEU C 130 -1.03 -6.31 2.55
N LEU C 131 -0.45 -5.35 1.87
CA LEU C 131 0.99 -5.27 1.71
C LEU C 131 1.54 -4.64 3.00
N ARG C 132 2.67 -5.14 3.49
CA ARG C 132 3.31 -4.56 4.67
C ARG C 132 4.29 -3.49 4.13
N GLN C 133 3.84 -2.25 4.05
CA GLN C 133 4.65 -1.15 3.49
C GLN C 133 5.56 -0.37 4.44
N ASP C 134 6.54 0.31 3.85
CA ASP C 134 7.47 1.14 4.59
C ASP C 134 6.72 2.41 5.03
N PRO C 135 6.83 2.77 6.31
CA PRO C 135 6.14 3.95 6.85
C PRO C 135 6.31 5.25 6.07
N ILE C 136 7.53 5.54 5.62
CA ILE C 136 7.78 6.78 4.91
C ILE C 136 7.08 6.80 3.55
N GLU C 137 7.29 5.75 2.77
CA GLU C 137 6.68 5.72 1.45
C GLU C 137 5.16 5.84 1.57
N CYS C 138 4.60 5.09 2.50
CA CYS C 138 3.17 5.09 2.73
C CYS C 138 2.68 6.45 3.22
N LEU C 139 3.46 7.10 4.07
CA LEU C 139 3.07 8.41 4.57
C LEU C 139 2.97 9.45 3.47
N PHE C 140 4.03 9.59 2.66
CA PHE C 140 4.01 10.58 1.60
C PHE C 140 3.23 10.17 0.34
N SER C 141 3.14 8.87 0.09
CA SER C 141 2.36 8.44 -1.07
C SER C 141 0.91 8.82 -0.78
N PHE C 142 0.43 8.50 0.42
CA PHE C 142 -0.96 8.83 0.70
C PHE C 142 -1.27 10.30 0.97
N ILE C 143 -0.25 11.12 1.18
CA ILE C 143 -0.48 12.54 1.35
C ILE C 143 -0.84 13.05 -0.06
N CYS C 144 -0.33 12.34 -1.06
CA CYS C 144 -0.59 12.69 -2.46
C CYS C 144 -1.91 12.11 -2.98
N SER C 145 -2.58 11.28 -2.18
CA SER C 145 -3.83 10.65 -2.59
C SER C 145 -5.05 11.54 -2.49
N SER C 146 -4.90 12.64 -1.76
CA SER C 146 -5.96 13.61 -1.55
C SER C 146 -6.61 14.13 -2.83
N CYS C 147 -7.95 14.14 -2.86
CA CYS C 147 -8.71 14.65 -4.01
C CYS C 147 -7.99 14.24 -5.29
N ASN C 148 -7.66 12.95 -5.40
CA ASN C 148 -6.92 12.44 -6.55
C ASN C 148 -7.26 10.98 -6.90
N ASN C 149 -7.04 10.59 -8.15
CA ASN C 149 -7.32 9.21 -8.59
C ASN C 149 -6.02 8.41 -8.72
N ILE C 150 -6.15 7.08 -8.71
CA ILE C 150 -4.99 6.20 -8.80
C ILE C 150 -3.99 6.50 -9.92
N ALA C 151 -4.47 6.91 -11.08
CA ALA C 151 -3.58 7.19 -12.21
C ALA C 151 -2.72 8.42 -11.95
N ARG C 152 -3.35 9.49 -11.47
CA ARG C 152 -2.61 10.71 -11.20
C ARG C 152 -1.67 10.52 -10.01
N ILE C 153 -2.16 9.82 -8.99
CA ILE C 153 -1.35 9.55 -7.80
C ILE C 153 -0.09 8.81 -8.23
N THR C 154 -0.25 7.83 -9.11
CA THR C 154 0.88 7.03 -9.57
C THR C 154 1.91 7.91 -10.26
N GLY C 155 1.44 8.85 -11.07
CA GLY C 155 2.34 9.75 -11.77
C GLY C 155 3.12 10.63 -10.80
N MET C 156 2.39 11.25 -9.87
CA MET C 156 3.00 12.14 -8.88
C MET C 156 4.07 11.42 -8.07
N VAL C 157 3.73 10.23 -7.56
CA VAL C 157 4.67 9.45 -6.77
C VAL C 157 5.89 9.09 -7.61
N GLU C 158 5.66 8.81 -8.88
CA GLU C 158 6.76 8.45 -9.78
C GLU C 158 7.72 9.63 -9.95
N ARG C 159 7.19 10.77 -10.37
CA ARG C 159 7.99 11.98 -10.57
C ARG C 159 8.75 12.30 -9.27
N LEU C 160 8.04 12.24 -8.15
CA LEU C 160 8.62 12.49 -6.83
C LEU C 160 9.86 11.63 -6.53
N CYS C 161 9.78 10.34 -6.81
CA CYS C 161 10.90 9.44 -6.54
C CYS C 161 12.05 9.65 -7.52
N GLN C 162 11.71 10.00 -8.76
CA GLN C 162 12.73 10.23 -9.79
C GLN C 162 13.56 11.45 -9.39
N ALA C 163 12.87 12.50 -8.96
CA ALA C 163 13.51 13.73 -8.55
C ALA C 163 14.26 13.68 -7.22
N PHE C 164 13.75 12.94 -6.25
CA PHE C 164 14.43 12.91 -4.95
C PHE C 164 14.91 11.57 -4.42
N GLY C 165 14.63 10.49 -5.14
CA GLY C 165 15.05 9.19 -4.66
C GLY C 165 16.34 8.67 -5.28
N PRO C 166 17.03 7.75 -4.60
CA PRO C 166 18.28 7.19 -5.11
C PRO C 166 18.05 6.34 -6.36
N ARG C 167 18.94 6.48 -7.34
CA ARG C 167 18.87 5.72 -8.57
C ARG C 167 19.31 4.30 -8.21
N LEU C 168 18.53 3.31 -8.61
CA LEU C 168 18.87 1.94 -8.30
C LEU C 168 19.51 1.28 -9.52
N ILE C 169 18.70 0.84 -10.48
CA ILE C 169 19.24 0.23 -11.68
C ILE C 169 18.32 0.56 -12.83
N GLN C 170 18.78 0.27 -14.05
CA GLN C 170 17.99 0.55 -15.24
C GLN C 170 17.65 -0.73 -16.03
N LEU C 171 16.37 -0.90 -16.34
CA LEU C 171 15.89 -2.05 -17.13
C LEU C 171 15.18 -1.42 -18.31
N ASP C 172 15.61 -1.75 -19.53
CA ASP C 172 15.03 -1.14 -20.73
C ASP C 172 15.17 0.38 -20.54
N ASP C 173 14.09 1.13 -20.78
CA ASP C 173 14.16 2.58 -20.62
C ASP C 173 13.58 3.06 -19.26
N VAL C 174 13.58 2.17 -18.28
CA VAL C 174 13.08 2.50 -16.95
C VAL C 174 14.21 2.56 -15.93
N THR C 175 14.36 3.71 -15.26
CA THR C 175 15.38 3.86 -14.23
C THR C 175 14.62 3.79 -12.90
N TYR C 176 14.87 2.75 -12.13
CA TYR C 176 14.18 2.61 -10.86
C TYR C 176 14.82 3.46 -9.79
N HIS C 177 13.99 4.05 -8.93
CA HIS C 177 14.49 4.86 -7.85
C HIS C 177 13.92 4.39 -6.53
N GLY C 178 14.73 4.47 -5.48
CA GLY C 178 14.26 4.10 -4.16
C GLY C 178 13.41 5.28 -3.73
N PHE C 179 12.56 5.09 -2.72
CA PHE C 179 11.72 6.17 -2.23
C PHE C 179 12.58 7.22 -1.52
N PRO C 180 12.27 8.51 -1.71
CA PRO C 180 13.03 9.59 -1.07
C PRO C 180 13.11 9.47 0.46
N SER C 181 14.22 9.90 1.03
CA SER C 181 14.41 9.86 2.48
C SER C 181 13.77 11.13 3.08
N LEU C 182 13.64 11.15 4.40
CA LEU C 182 13.08 12.31 5.08
C LEU C 182 13.96 13.54 4.82
N GLN C 183 15.28 13.34 4.86
CA GLN C 183 16.23 14.43 4.62
C GLN C 183 15.98 15.06 3.27
N ALA C 184 15.87 14.22 2.25
CA ALA C 184 15.63 14.70 0.89
C ALA C 184 14.34 15.49 0.82
N LEU C 185 13.26 14.87 1.29
CA LEU C 185 11.96 15.54 1.25
C LEU C 185 11.91 16.82 2.10
N ALA C 186 12.75 16.89 3.11
CA ALA C 186 12.79 18.08 3.99
C ALA C 186 13.68 19.18 3.42
N GLY C 187 14.51 18.81 2.44
CA GLY C 187 15.41 19.76 1.82
C GLY C 187 14.84 21.10 1.39
N PRO C 188 15.72 22.08 1.12
CA PRO C 188 15.29 23.41 0.69
C PRO C 188 14.74 23.43 -0.73
N GLU C 189 13.62 24.11 -0.91
CA GLU C 189 12.96 24.25 -2.20
C GLU C 189 12.29 23.00 -2.77
N VAL C 190 12.13 21.98 -1.94
CA VAL C 190 11.46 20.75 -2.39
C VAL C 190 10.04 21.09 -2.87
N GLU C 191 9.32 21.88 -2.08
CA GLU C 191 7.95 22.25 -2.44
C GLU C 191 7.87 22.81 -3.86
N ALA C 192 8.55 23.93 -4.09
CA ALA C 192 8.54 24.55 -5.41
C ALA C 192 8.85 23.51 -6.50
N HIS C 193 9.80 22.63 -6.20
CA HIS C 193 10.21 21.59 -7.13
C HIS C 193 9.04 20.66 -7.36
N LEU C 194 8.44 20.19 -6.28
CA LEU C 194 7.31 19.29 -6.37
C LEU C 194 6.16 19.93 -7.11
N ARG C 195 5.99 21.23 -6.94
CA ARG C 195 4.93 21.93 -7.65
C ARG C 195 5.17 21.90 -9.17
N LYS C 196 6.43 21.91 -9.57
CA LYS C 196 6.74 21.85 -10.99
C LYS C 196 6.44 20.46 -11.51
N LEU C 197 6.46 19.48 -10.61
CA LEU C 197 6.17 18.11 -11.01
C LEU C 197 4.66 17.86 -11.01
N GLY C 198 3.89 18.91 -10.70
CA GLY C 198 2.45 18.80 -10.69
C GLY C 198 1.71 18.34 -9.44
N LEU C 199 2.41 18.14 -8.33
CA LEU C 199 1.73 17.69 -7.11
C LEU C 199 0.77 18.72 -6.51
N GLY C 200 0.71 19.91 -7.09
CA GLY C 200 -0.18 20.94 -6.58
C GLY C 200 0.01 21.23 -5.10
N TYR C 201 -1.08 21.56 -4.42
CA TYR C 201 -1.06 21.90 -3.00
C TYR C 201 -0.47 20.81 -2.12
N ARG C 202 -0.38 19.59 -2.67
CA ARG C 202 0.15 18.47 -1.92
C ARG C 202 1.65 18.65 -1.70
N ALA C 203 2.27 19.42 -2.60
CA ALA C 203 3.69 19.70 -2.53
C ALA C 203 4.01 20.29 -1.17
N ARG C 204 3.16 21.19 -0.70
CA ARG C 204 3.37 21.81 0.60
C ARG C 204 3.30 20.81 1.75
N TYR C 205 2.37 19.87 1.68
CA TYR C 205 2.23 18.87 2.74
C TYR C 205 3.43 17.95 2.80
N VAL C 206 3.93 17.59 1.63
CA VAL C 206 5.10 16.72 1.56
C VAL C 206 6.24 17.42 2.28
N SER C 207 6.50 18.67 1.92
CA SER C 207 7.58 19.43 2.53
C SER C 207 7.36 19.60 4.04
N ALA C 208 6.20 20.12 4.40
CA ALA C 208 5.88 20.36 5.81
C ALA C 208 5.97 19.13 6.70
N SER C 209 5.44 17.99 6.25
CA SER C 209 5.50 16.77 7.06
C SER C 209 6.91 16.23 7.17
N ALA C 210 7.68 16.36 6.10
CA ALA C 210 9.07 15.89 6.13
C ALA C 210 9.80 16.65 7.26
N ARG C 211 9.66 17.98 7.27
CA ARG C 211 10.30 18.83 8.29
C ARG C 211 9.75 18.63 9.69
N ALA C 212 8.43 18.50 9.82
CA ALA C 212 7.82 18.31 11.13
C ALA C 212 8.35 17.03 11.79
N ILE C 213 8.47 15.96 11.01
CA ILE C 213 8.96 14.72 11.57
C ILE C 213 10.41 14.84 12.03
N LEU C 214 11.22 15.39 11.14
CA LEU C 214 12.65 15.57 11.37
C LEU C 214 13.02 16.66 12.37
N GLU C 215 12.29 17.77 12.34
CA GLU C 215 12.57 18.90 13.23
C GLU C 215 11.61 19.12 14.39
N GLU C 216 10.68 18.21 14.61
CA GLU C 216 9.73 18.38 15.72
C GLU C 216 9.33 17.11 16.42
N GLN C 217 9.31 15.99 15.70
CA GLN C 217 8.89 14.73 16.29
C GLN C 217 10.00 13.76 16.65
N GLY C 218 11.23 14.09 16.31
CA GLY C 218 12.32 13.18 16.64
C GLY C 218 12.77 12.29 15.49
N GLY C 219 12.38 12.65 14.27
CA GLY C 219 12.79 11.89 13.10
C GLY C 219 12.15 10.53 12.82
N LEU C 220 12.79 9.82 11.90
CA LEU C 220 12.35 8.51 11.47
C LEU C 220 11.94 7.60 12.63
N ALA C 221 12.77 7.55 13.67
CA ALA C 221 12.50 6.72 14.83
C ALA C 221 11.08 6.93 15.36
N TRP C 222 10.67 8.19 15.49
CA TRP C 222 9.34 8.50 15.98
C TRP C 222 8.27 7.76 15.16
N LEU C 223 8.47 7.73 13.85
CA LEU C 223 7.54 7.10 12.92
C LEU C 223 7.61 5.58 13.01
N GLN C 224 8.81 5.05 12.85
CA GLN C 224 9.03 3.61 12.87
C GLN C 224 8.53 2.88 14.10
N GLN C 225 8.69 3.49 15.27
CA GLN C 225 8.26 2.84 16.50
C GLN C 225 6.76 2.86 16.72
N LEU C 226 6.02 3.53 15.84
CA LEU C 226 4.57 3.57 15.99
C LEU C 226 4.02 2.16 15.75
N ARG C 227 4.83 1.32 15.11
CA ARG C 227 4.44 -0.06 14.85
C ARG C 227 4.26 -0.85 16.15
N GLU C 228 4.91 -0.40 17.22
CA GLU C 228 4.79 -1.06 18.51
C GLU C 228 3.74 -0.38 19.39
N SER C 229 3.29 0.80 18.97
CA SER C 229 2.28 1.54 19.72
C SER C 229 0.88 1.02 19.37
N SER C 230 -0.13 1.45 20.12
CA SER C 230 -1.51 1.01 19.89
C SER C 230 -2.08 1.71 18.65
N TYR C 231 -3.09 1.10 18.05
CA TYR C 231 -3.72 1.69 16.88
C TYR C 231 -4.18 3.10 17.19
N GLU C 232 -4.88 3.26 18.31
CA GLU C 232 -5.39 4.58 18.69
C GLU C 232 -4.24 5.55 18.94
N GLU C 233 -3.15 5.02 19.48
CA GLU C 233 -1.96 5.82 19.76
C GLU C 233 -1.33 6.22 18.41
N ALA C 234 -1.06 5.22 17.58
CA ALA C 234 -0.47 5.44 16.27
C ALA C 234 -1.31 6.41 15.43
N HIS C 235 -2.62 6.18 15.40
CA HIS C 235 -3.51 7.04 14.63
C HIS C 235 -3.47 8.49 15.14
N LYS C 236 -3.38 8.62 16.46
CA LYS C 236 -3.35 9.93 17.12
C LYS C 236 -2.08 10.69 16.73
N ALA C 237 -0.94 10.01 16.83
CA ALA C 237 0.34 10.59 16.49
C ALA C 237 0.37 11.05 15.03
N LEU C 238 0.09 10.13 14.10
CA LEU C 238 0.08 10.46 12.68
C LEU C 238 -0.72 11.72 12.33
N CYS C 239 -1.86 11.92 12.98
CA CYS C 239 -2.70 13.08 12.67
C CYS C 239 -2.07 14.45 12.99
N ILE C 240 -0.91 14.44 13.63
CA ILE C 240 -0.20 15.66 13.97
C ILE C 240 0.43 16.27 12.71
N LEU C 241 0.89 15.40 11.79
CA LEU C 241 1.53 15.84 10.56
C LEU C 241 0.61 16.63 9.64
N PRO C 242 1.14 17.68 9.00
CA PRO C 242 0.32 18.49 8.09
C PRO C 242 0.00 17.74 6.79
N GLY C 243 -1.29 17.66 6.46
CA GLY C 243 -1.73 16.95 5.28
C GLY C 243 -2.20 15.55 5.62
N VAL C 244 -1.99 15.15 6.88
CA VAL C 244 -2.39 13.84 7.34
C VAL C 244 -3.61 13.90 8.24
N GLY C 245 -4.78 13.63 7.66
CA GLY C 245 -6.02 13.62 8.40
C GLY C 245 -6.35 12.20 8.84
N THR C 246 -7.56 11.99 9.35
CA THR C 246 -7.98 10.67 9.83
C THR C 246 -7.95 9.55 8.78
N GLN C 247 -8.27 9.90 7.54
CA GLN C 247 -8.29 8.94 6.44
C GLN C 247 -6.89 8.46 6.04
N VAL C 248 -5.97 9.39 5.77
CA VAL C 248 -4.60 9.00 5.39
C VAL C 248 -3.92 8.32 6.57
N ALA C 249 -4.31 8.71 7.79
CA ALA C 249 -3.75 8.12 9.01
C ALA C 249 -4.15 6.64 9.08
N ASP C 250 -5.42 6.38 8.83
CA ASP C 250 -5.90 5.00 8.84
C ASP C 250 -5.18 4.20 7.76
N CYS C 251 -4.99 4.81 6.58
CA CYS C 251 -4.26 4.11 5.51
C CYS C 251 -2.86 3.72 5.99
N ILE C 252 -2.16 4.68 6.59
CA ILE C 252 -0.81 4.40 7.10
C ILE C 252 -0.84 3.34 8.18
N CYS C 253 -1.80 3.46 9.10
CA CYS C 253 -1.92 2.47 10.17
C CYS C 253 -2.12 1.07 9.62
N LEU C 254 -3.09 0.94 8.72
CA LEU C 254 -3.41 -0.34 8.11
C LEU C 254 -2.31 -0.89 7.24
N MET C 255 -1.75 -0.03 6.39
CA MET C 255 -0.73 -0.44 5.46
C MET C 255 0.74 -0.46 5.84
N ALA C 256 1.15 0.28 6.86
CA ALA C 256 2.56 0.27 7.23
C ALA C 256 2.87 0.10 8.71
N LEU C 257 1.87 0.30 9.57
CA LEU C 257 2.08 0.17 11.01
C LEU C 257 1.48 -1.06 11.69
N ASP C 258 1.20 -2.11 10.93
CA ASP C 258 0.62 -3.34 11.46
C ASP C 258 -0.66 -3.15 12.29
N LYS C 259 -1.58 -2.31 11.80
CA LYS C 259 -2.85 -2.07 12.49
C LYS C 259 -3.96 -2.61 11.57
N PRO C 260 -4.11 -3.95 11.49
CA PRO C 260 -5.13 -4.57 10.64
C PRO C 260 -6.59 -4.19 10.89
N GLN C 261 -6.86 -3.59 12.05
CA GLN C 261 -8.22 -3.18 12.37
C GLN C 261 -8.53 -1.78 11.84
N ALA C 262 -7.51 -1.09 11.34
CA ALA C 262 -7.71 0.27 10.81
C ALA C 262 -8.61 0.21 9.57
N VAL C 263 -9.59 1.12 9.48
CA VAL C 263 -10.51 1.16 8.35
C VAL C 263 -10.63 2.56 7.75
N PRO C 264 -9.90 2.84 6.65
CA PRO C 264 -9.95 4.15 6.00
C PRO C 264 -11.32 4.46 5.41
N VAL C 265 -12.03 5.43 5.98
CA VAL C 265 -13.34 5.74 5.45
C VAL C 265 -13.30 6.87 4.44
N ASP C 266 -13.62 6.53 3.20
CA ASP C 266 -13.67 7.50 2.11
C ASP C 266 -15.07 7.41 1.50
N VAL C 267 -15.37 8.27 0.54
CA VAL C 267 -16.69 8.26 -0.09
C VAL C 267 -16.98 6.89 -0.68
N HIS C 268 -15.93 6.21 -1.11
CA HIS C 268 -16.08 4.89 -1.70
C HIS C 268 -16.71 3.95 -0.68
N MET C 269 -16.19 3.98 0.54
CA MET C 269 -16.68 3.12 1.60
C MET C 269 -18.11 3.48 1.96
N TRP C 270 -18.44 4.76 1.92
CA TRP C 270 -19.79 5.20 2.24
C TRP C 270 -20.75 4.56 1.25
N HIS C 271 -20.39 4.59 -0.03
CA HIS C 271 -21.24 4.02 -1.06
C HIS C 271 -21.49 2.54 -0.75
N ILE C 272 -20.43 1.82 -0.40
CA ILE C 272 -20.56 0.41 -0.07
C ILE C 272 -21.46 0.23 1.16
N ALA C 273 -21.24 1.02 2.20
CA ALA C 273 -22.03 0.92 3.42
C ALA C 273 -23.51 1.16 3.12
N GLN C 274 -23.79 2.17 2.32
CA GLN C 274 -25.18 2.50 2.00
C GLN C 274 -25.87 1.52 1.07
N ARG C 275 -25.18 1.11 0.01
CA ARG C 275 -25.75 0.21 -0.98
C ARG C 275 -25.83 -1.25 -0.59
N ASP C 276 -24.78 -1.75 0.06
CA ASP C 276 -24.72 -3.16 0.46
C ASP C 276 -25.07 -3.48 1.92
N TYR C 277 -25.29 -2.45 2.75
CA TYR C 277 -25.66 -2.70 4.13
C TYR C 277 -26.82 -1.80 4.56
N SER C 278 -27.24 -0.89 3.70
CA SER C 278 -28.34 0.01 4.03
C SER C 278 -27.99 0.74 5.33
N TRP C 279 -26.70 0.99 5.53
CA TRP C 279 -26.18 1.64 6.71
C TRP C 279 -26.47 3.15 6.75
N HIS C 280 -26.74 3.66 7.93
CA HIS C 280 -26.97 5.08 8.12
C HIS C 280 -26.40 5.45 9.49
N PRO C 281 -25.98 6.71 9.67
CA PRO C 281 -25.41 7.20 10.93
C PRO C 281 -26.38 7.13 12.11
N THR C 282 -25.88 6.61 13.22
CA THR C 282 -26.65 6.47 14.46
C THR C 282 -26.41 7.66 15.38
N THR C 283 -25.13 8.02 15.54
CA THR C 283 -24.73 9.12 16.41
C THR C 283 -25.02 10.49 15.81
N SER C 284 -24.09 10.97 14.98
CA SER C 284 -24.25 12.28 14.36
C SER C 284 -25.61 12.44 13.69
N GLN C 285 -26.13 13.66 13.72
CA GLN C 285 -27.41 13.94 13.08
C GLN C 285 -27.11 14.22 11.61
N ALA C 286 -25.83 14.35 11.30
CA ALA C 286 -25.39 14.59 9.93
C ALA C 286 -25.63 13.31 9.14
N LYS C 287 -26.32 13.43 8.02
CA LYS C 287 -26.63 12.26 7.19
C LYS C 287 -25.54 11.88 6.21
N GLY C 288 -24.58 12.77 6.01
CA GLY C 288 -23.49 12.49 5.09
C GLY C 288 -22.12 12.42 5.76
N PRO C 289 -21.04 12.31 4.97
CA PRO C 289 -19.68 12.23 5.51
C PRO C 289 -19.29 13.46 6.32
N SER C 290 -18.83 13.22 7.54
CA SER C 290 -18.40 14.27 8.44
C SER C 290 -17.42 13.60 9.39
N PRO C 291 -16.55 14.39 10.03
CA PRO C 291 -15.58 13.79 10.95
C PRO C 291 -16.25 12.76 11.86
N GLN C 292 -17.39 13.14 12.42
CA GLN C 292 -18.14 12.27 13.32
C GLN C 292 -18.77 11.05 12.64
N THR C 293 -19.47 11.25 11.53
CA THR C 293 -20.10 10.13 10.84
C THR C 293 -19.05 9.16 10.26
N ASN C 294 -17.89 9.69 9.86
CA ASN C 294 -16.84 8.83 9.32
C ASN C 294 -16.25 7.94 10.42
N LYS C 295 -16.05 8.52 11.60
CA LYS C 295 -15.50 7.76 12.72
C LYS C 295 -16.42 6.57 13.03
N GLU C 296 -17.72 6.86 13.06
CA GLU C 296 -18.72 5.85 13.36
C GLU C 296 -18.72 4.73 12.32
N LEU C 297 -18.80 5.10 11.05
CA LEU C 297 -18.81 4.12 9.97
C LEU C 297 -17.61 3.19 10.11
N GLY C 298 -16.48 3.74 10.55
CA GLY C 298 -15.30 2.94 10.72
C GLY C 298 -15.54 1.93 11.83
N ASN C 299 -16.21 2.37 12.90
CA ASN C 299 -16.48 1.50 14.03
C ASN C 299 -17.47 0.41 13.64
N PHE C 300 -18.40 0.76 12.76
CA PHE C 300 -19.40 -0.17 12.28
C PHE C 300 -18.75 -1.42 11.67
N PHE C 301 -17.76 -1.20 10.80
CA PHE C 301 -17.07 -2.31 10.14
C PHE C 301 -16.13 -3.05 11.05
N ARG C 302 -15.63 -2.37 12.07
CA ARG C 302 -14.73 -3.02 13.00
C ARG C 302 -15.55 -4.02 13.82
N SER C 303 -16.72 -3.62 14.30
CA SER C 303 -17.53 -4.54 15.09
C SER C 303 -18.12 -5.65 14.20
N LEU C 304 -18.28 -5.38 12.91
CA LEU C 304 -18.81 -6.39 12.00
C LEU C 304 -17.75 -7.43 11.60
N TRP C 305 -16.59 -6.97 11.13
CA TRP C 305 -15.54 -7.88 10.67
C TRP C 305 -14.50 -8.30 11.71
N GLY C 306 -14.28 -7.48 12.72
CA GLY C 306 -13.32 -7.86 13.73
C GLY C 306 -11.93 -7.23 13.62
N PRO C 307 -10.92 -7.84 14.27
CA PRO C 307 -9.51 -7.42 14.32
C PRO C 307 -8.83 -7.16 12.98
N TYR C 308 -9.44 -7.61 11.88
CA TYR C 308 -8.84 -7.39 10.58
C TYR C 308 -9.80 -6.68 9.65
N ALA C 309 -10.62 -5.80 10.20
CA ALA C 309 -11.60 -5.08 9.40
C ALA C 309 -10.96 -4.40 8.19
N GLY C 310 -9.72 -3.91 8.37
CA GLY C 310 -9.01 -3.25 7.31
C GLY C 310 -8.77 -4.16 6.11
N TRP C 311 -8.36 -5.40 6.38
CA TRP C 311 -8.13 -6.35 5.30
C TRP C 311 -9.45 -6.67 4.61
N ALA C 312 -10.51 -6.85 5.39
CA ALA C 312 -11.84 -7.15 4.83
C ALA C 312 -12.24 -6.03 3.89
N GLN C 313 -12.04 -4.79 4.31
CA GLN C 313 -12.40 -3.67 3.45
C GLN C 313 -11.71 -3.76 2.09
N ALA C 314 -10.42 -4.12 2.10
CA ALA C 314 -9.68 -4.24 0.86
C ALA C 314 -10.37 -5.19 -0.10
N VAL C 315 -10.88 -6.31 0.43
CA VAL C 315 -11.57 -7.28 -0.41
C VAL C 315 -12.78 -6.65 -1.08
N LEU C 316 -13.60 -5.94 -0.33
CA LEU C 316 -14.78 -5.30 -0.92
C LEU C 316 -14.42 -4.27 -1.97
N PHE C 317 -13.34 -3.52 -1.74
CA PHE C 317 -12.87 -2.50 -2.68
C PHE C 317 -12.47 -3.10 -4.03
N SER C 318 -11.90 -4.30 -3.98
CA SER C 318 -11.46 -4.98 -5.20
C SER C 318 -12.68 -5.44 -6.02
N ALA C 319 -13.58 -6.16 -5.35
CA ALA C 319 -14.79 -6.66 -5.98
C ALA C 319 -15.67 -5.53 -6.47
N ASP C 320 -15.37 -4.32 -6.02
CA ASP C 320 -16.17 -3.16 -6.41
C ASP C 320 -15.50 -2.37 -7.55
N LEU C 321 -15.27 -3.06 -8.67
CA LEU C 321 -14.65 -2.44 -9.84
C LEU C 321 -15.11 -3.11 -11.13
#